data_4XHV
#
_entry.id   4XHV
#
_cell.length_a   45.302
_cell.length_b   45.302
_cell.length_c   94.533
_cell.angle_alpha   90.00
_cell.angle_beta   90.00
_cell.angle_gamma   90.00
#
_symmetry.space_group_name_H-M   'P 43 21 2'
#
loop_
_entity.id
_entity.type
_entity.pdbx_description
1 polymer LP20995p
2 polymer 'Neurexin 1'
3 non-polymer 1,2-ETHANEDIOL
4 non-polymer 'CHLORIDE ION'
5 non-polymer 'ZINC ION'
6 water water
#
loop_
_entity_poly.entity_id
_entity_poly.type
_entity_poly.pdbx_seq_one_letter_code
_entity_poly.pdbx_strand_id
1 'polypeptide(L)'
;GAMAHVFPVELMKGPEGLGLSIIGMGVGADAGLEKLGIFVKTITDNGAAARDGRIQVNDQIIEVDGKSLVGVTQAYAASV
LRNTSGLVKFQIGR
;
A
2 'polypeptide(L)' DSKDVKEWYV B
#
loop_
_chem_comp.id
_chem_comp.type
_chem_comp.name
_chem_comp.formula
CL non-polymer 'CHLORIDE ION' 'Cl -1'
EDO non-polymer 1,2-ETHANEDIOL 'C2 H6 O2'
ZN non-polymer 'ZINC ION' 'Zn 2'
#
# COMPACT_ATOMS: atom_id res chain seq x y z
N GLY A 1 10.17 -11.89 -15.55
CA GLY A 1 11.65 -12.05 -15.48
C GLY A 1 12.06 -12.52 -14.10
N ALA A 2 13.33 -12.92 -13.95
CA ALA A 2 13.83 -13.43 -12.65
C ALA A 2 14.00 -12.35 -11.60
N MET A 3 14.08 -11.05 -12.01
CA MET A 3 14.33 -9.96 -11.08
C MET A 3 13.01 -9.25 -10.74
N ALA A 4 12.98 -8.77 -9.52
CA ALA A 4 11.87 -7.94 -9.07
C ALA A 4 11.65 -6.75 -10.00
N HIS A 5 10.39 -6.34 -10.14
CA HIS A 5 10.03 -5.13 -10.87
C HIS A 5 9.61 -4.10 -9.85
N VAL A 6 10.42 -3.05 -9.69
CA VAL A 6 10.10 -1.94 -8.79
C VAL A 6 10.04 -0.70 -9.64
N PHE A 7 8.98 0.08 -9.45
CA PHE A 7 8.77 1.27 -10.27
C PHE A 7 8.11 2.38 -9.45
N PRO A 8 8.37 3.63 -9.84
CA PRO A 8 7.75 4.75 -9.14
C PRO A 8 6.36 5.05 -9.70
N VAL A 9 5.45 5.49 -8.83
CA VAL A 9 4.13 5.99 -9.23
C VAL A 9 3.89 7.27 -8.48
N GLU A 10 3.47 8.31 -9.18
CA GLU A 10 3.04 9.56 -8.58
C GLU A 10 1.62 9.78 -9.04
N LEU A 11 0.74 10.11 -8.11
CA LEU A 11 -0.60 10.46 -8.46
C LEU A 11 -1.18 11.45 -7.41
N MET A 12 -2.28 12.07 -7.76
CA MET A 12 -2.95 13.05 -6.92
CA MET A 12 -2.92 13.05 -6.93
C MET A 12 -3.99 12.38 -6.08
N LYS A 13 -3.95 12.61 -4.75
CA LYS A 13 -4.96 12.01 -3.89
C LYS A 13 -6.34 12.54 -4.21
N GLY A 14 -7.36 11.68 -4.11
CA GLY A 14 -8.72 12.06 -4.34
C GLY A 14 -9.42 12.52 -3.10
N PRO A 15 -10.65 13.05 -3.24
CA PRO A 15 -11.39 13.51 -2.07
C PRO A 15 -11.80 12.36 -1.13
N GLU A 16 -11.90 11.15 -1.65
CA GLU A 16 -12.27 10.01 -0.85
C GLU A 16 -11.05 9.15 -0.49
N GLY A 17 -9.83 9.66 -0.70
CA GLY A 17 -8.64 8.95 -0.32
C GLY A 17 -7.83 8.54 -1.55
N LEU A 18 -6.90 7.61 -1.34
CA LEU A 18 -6.09 7.07 -2.44
C LEU A 18 -6.92 6.10 -3.30
N GLY A 19 -7.94 5.49 -2.66
CA GLY A 19 -8.73 4.48 -3.34
C GLY A 19 -8.13 3.08 -3.43
N LEU A 20 -7.59 2.58 -2.34
CA LEU A 20 -7.13 1.19 -2.35
C LEU A 20 -7.20 0.69 -0.93
N SER A 21 -7.09 -0.60 -0.78
CA SER A 21 -6.94 -1.18 0.57
C SER A 21 -5.65 -2.01 0.64
N ILE A 22 -5.11 -2.13 1.87
CA ILE A 22 -3.85 -2.79 2.11
C ILE A 22 -3.99 -3.92 3.10
N ILE A 23 -3.12 -4.91 2.93
CA ILE A 23 -2.94 -6.00 3.84
CA ILE A 23 -2.91 -5.98 3.88
C ILE A 23 -1.44 -6.17 4.08
N GLY A 24 -1.05 -6.67 5.24
CA GLY A 24 0.32 -7.09 5.49
C GLY A 24 0.57 -8.51 5.05
N MET A 25 1.81 -8.82 4.71
CA MET A 25 2.24 -10.15 4.42
CA MET A 25 2.25 -10.19 4.46
C MET A 25 3.60 -10.41 5.05
N GLY A 26 3.67 -11.45 5.87
CA GLY A 26 4.88 -11.86 6.55
C GLY A 26 4.96 -11.29 7.95
N VAL A 27 5.39 -12.17 8.88
CA VAL A 27 5.57 -11.79 10.28
C VAL A 27 6.91 -12.36 10.78
N GLY A 28 7.31 -11.91 11.97
CA GLY A 28 8.42 -12.50 12.68
C GLY A 28 7.95 -13.59 13.64
N ALA A 29 8.91 -14.35 14.12
CA ALA A 29 8.54 -15.53 14.95
C ALA A 29 7.95 -15.11 16.29
N ASP A 30 8.23 -13.87 16.72
CA ASP A 30 7.62 -13.33 17.92
C ASP A 30 6.09 -13.17 17.80
N ALA A 31 5.59 -13.10 16.57
CA ALA A 31 4.17 -12.99 16.32
C ALA A 31 3.53 -11.67 16.74
N GLY A 32 4.32 -10.64 16.85
CA GLY A 32 3.76 -9.32 17.06
C GLY A 32 3.21 -8.75 15.78
N LEU A 33 2.72 -7.51 15.85
CA LEU A 33 1.93 -6.90 14.78
C LEU A 33 2.76 -6.38 13.61
N GLU A 34 4.09 -6.37 13.68
CA GLU A 34 4.84 -5.86 12.55
CA GLU A 34 4.90 -5.89 12.56
C GLU A 34 4.70 -6.79 11.36
N LYS A 35 4.44 -6.19 10.20
CA LYS A 35 4.34 -6.95 8.93
C LYS A 35 5.58 -6.71 8.07
N LEU A 36 6.02 -7.74 7.40
CA LEU A 36 7.25 -7.61 6.61
C LEU A 36 7.04 -6.70 5.41
N GLY A 37 5.95 -6.92 4.67
CA GLY A 37 5.58 -6.09 3.54
C GLY A 37 4.10 -5.75 3.54
N ILE A 38 3.77 -4.71 2.78
CA ILE A 38 2.42 -4.18 2.68
C ILE A 38 1.98 -4.29 1.19
N PHE A 39 0.81 -4.87 0.97
CA PHE A 39 0.36 -5.19 -0.36
C PHE A 39 -1.05 -4.68 -0.58
N VAL A 40 -1.35 -4.43 -1.85
CA VAL A 40 -2.66 -3.97 -2.28
C VAL A 40 -3.63 -5.11 -2.35
N LYS A 41 -4.74 -5.04 -1.63
CA LYS A 41 -5.75 -6.06 -1.63
CA LYS A 41 -5.73 -6.08 -1.67
C LYS A 41 -6.88 -5.75 -2.62
N THR A 42 -7.36 -4.51 -2.62
CA THR A 42 -8.41 -4.03 -3.52
C THR A 42 -8.05 -2.65 -4.04
N ILE A 43 -8.65 -2.31 -5.20
CA ILE A 43 -8.57 -0.97 -5.77
C ILE A 43 -9.99 -0.47 -5.95
N THR A 44 -10.29 0.74 -5.49
CA THR A 44 -11.65 1.25 -5.54
C THR A 44 -11.98 1.78 -6.94
N ASP A 45 -13.13 1.37 -7.49
CA ASP A 45 -13.60 1.84 -8.79
CA ASP A 45 -13.58 1.87 -8.80
C ASP A 45 -13.64 3.39 -8.79
N ASN A 46 -13.14 4.00 -9.86
CA ASN A 46 -13.17 5.44 -10.00
C ASN A 46 -12.33 6.22 -9.02
N GLY A 47 -11.58 5.54 -8.15
CA GLY A 47 -10.76 6.27 -7.21
C GLY A 47 -9.43 6.70 -7.88
N ALA A 48 -8.59 7.39 -7.12
CA ALA A 48 -7.37 7.94 -7.65
C ALA A 48 -6.47 6.84 -8.19
N ALA A 49 -6.27 5.75 -7.46
CA ALA A 49 -5.39 4.70 -7.94
C ALA A 49 -5.95 4.01 -9.18
N ALA A 50 -7.26 3.83 -9.24
CA ALA A 50 -7.88 3.22 -10.40
C ALA A 50 -7.74 4.10 -11.63
N ARG A 51 -7.99 5.40 -11.46
CA ARG A 51 -7.93 6.31 -12.59
CA ARG A 51 -7.93 6.32 -12.59
C ARG A 51 -6.51 6.38 -13.17
N ASP A 52 -5.53 6.34 -12.28
CA ASP A 52 -4.13 6.35 -12.73
C ASP A 52 -3.81 5.07 -13.51
N GLY A 53 -4.33 3.93 -13.03
CA GLY A 53 -4.27 2.69 -13.76
C GLY A 53 -3.07 1.81 -13.57
N ARG A 54 -2.00 2.32 -12.97
CA ARG A 54 -0.77 1.55 -12.86
C ARG A 54 -0.73 0.53 -11.73
N ILE A 55 -1.15 0.94 -10.53
CA ILE A 55 -1.13 0.06 -9.36
C ILE A 55 -2.16 -1.03 -9.55
N GLN A 56 -1.77 -2.28 -9.22
CA GLN A 56 -2.65 -3.43 -9.39
C GLN A 56 -2.80 -4.19 -8.05
N VAL A 57 -3.88 -4.96 -7.96
CA VAL A 57 -4.02 -5.88 -6.87
C VAL A 57 -2.80 -6.80 -6.79
N ASN A 58 -2.31 -7.02 -5.59
CA ASN A 58 -1.14 -7.84 -5.25
C ASN A 58 0.18 -7.12 -5.47
N ASP A 59 0.16 -5.88 -5.95
CA ASP A 59 1.37 -5.06 -5.91
C ASP A 59 1.76 -4.80 -4.45
N GLN A 60 3.06 -4.62 -4.22
CA GLN A 60 3.59 -4.21 -2.94
C GLN A 60 3.74 -2.69 -2.91
N ILE A 61 3.29 -2.04 -1.83
CA ILE A 61 3.64 -0.63 -1.61
C ILE A 61 4.87 -0.62 -0.74
N ILE A 62 6.01 -0.35 -1.34
CA ILE A 62 7.29 -0.45 -0.64
C ILE A 62 7.58 0.80 0.19
N GLU A 63 7.21 1.96 -0.34
CA GLU A 63 7.52 3.24 0.27
CA GLU A 63 7.53 3.25 0.25
C GLU A 63 6.50 4.26 -0.24
N VAL A 64 6.18 5.23 0.61
CA VAL A 64 5.30 6.32 0.19
CA VAL A 64 5.28 6.31 0.24
C VAL A 64 5.83 7.61 0.80
N ASP A 65 6.02 8.61 -0.07
CA ASP A 65 6.49 9.95 0.36
C ASP A 65 7.73 9.82 1.25
N GLY A 66 8.63 8.94 0.88
CA GLY A 66 9.86 8.73 1.63
C GLY A 66 9.80 7.91 2.88
N LYS A 67 8.61 7.42 3.21
CA LYS A 67 8.44 6.60 4.40
C LYS A 67 8.34 5.13 4.01
N SER A 68 9.28 4.33 4.51
CA SER A 68 9.31 2.91 4.22
C SER A 68 8.10 2.23 4.82
N LEU A 69 7.53 1.29 4.02
CA LEU A 69 6.45 0.42 4.48
C LEU A 69 6.97 -1.02 4.53
N VAL A 70 8.26 -1.19 4.85
CA VAL A 70 8.87 -2.51 5.08
C VAL A 70 9.08 -2.66 6.56
N GLY A 71 8.54 -3.70 7.14
CA GLY A 71 8.73 -3.94 8.56
C GLY A 71 7.99 -2.97 9.46
N VAL A 72 6.69 -2.85 9.19
CA VAL A 72 5.81 -1.88 9.89
C VAL A 72 4.49 -2.55 10.18
N THR A 73 3.80 -2.04 11.21
CA THR A 73 2.47 -2.56 11.45
C THR A 73 1.48 -2.15 10.35
N GLN A 74 0.40 -2.90 10.22
CA GLN A 74 -0.66 -2.52 9.26
C GLN A 74 -1.24 -1.17 9.62
N ALA A 75 -1.46 -0.94 10.92
CA ALA A 75 -1.98 0.36 11.35
C ALA A 75 -1.07 1.52 11.01
N TYR A 76 0.24 1.32 11.21
CA TYR A 76 1.23 2.37 10.86
C TYR A 76 1.16 2.65 9.36
N ALA A 77 1.21 1.58 8.58
CA ALA A 77 1.21 1.78 7.12
C ALA A 77 -0.03 2.52 6.67
N ALA A 78 -1.20 2.10 7.17
CA ALA A 78 -2.45 2.74 6.78
C ALA A 78 -2.45 4.19 7.20
N SER A 79 -1.92 4.47 8.40
CA SER A 79 -1.87 5.84 8.85
C SER A 79 -0.99 6.72 8.00
N VAL A 80 0.19 6.22 7.62
CA VAL A 80 1.01 6.94 6.70
C VAL A 80 0.23 7.26 5.41
N LEU A 81 -0.38 6.21 4.86
CA LEU A 81 -1.13 6.39 3.61
C LEU A 81 -2.30 7.40 3.76
N ARG A 82 -2.99 7.33 4.89
CA ARG A 82 -4.10 8.25 5.13
C ARG A 82 -3.65 9.70 5.30
N ASN A 83 -2.41 9.90 5.76
CA ASN A 83 -1.83 11.25 5.95
C ASN A 83 -1.24 11.86 4.69
N THR A 84 -1.22 11.13 3.60
CA THR A 84 -0.80 11.73 2.34
C THR A 84 -1.80 12.82 1.93
N SER A 85 -1.36 13.71 1.05
CA SER A 85 -2.18 14.86 0.65
CA SER A 85 -2.24 14.75 0.56
C SER A 85 -1.64 15.37 -0.68
N GLY A 86 -2.49 15.79 -1.60
CA GLY A 86 -2.03 16.33 -2.88
C GLY A 86 -1.24 15.28 -3.65
N LEU A 87 -0.07 15.65 -4.17
CA LEU A 87 0.74 14.71 -4.92
C LEU A 87 1.31 13.69 -3.96
N VAL A 88 1.18 12.41 -4.30
CA VAL A 88 1.67 11.30 -3.48
CA VAL A 88 1.73 11.35 -3.47
C VAL A 88 2.66 10.52 -4.33
N LYS A 89 3.82 10.17 -3.75
CA LYS A 89 4.88 9.50 -4.46
C LYS A 89 5.09 8.11 -3.85
N PHE A 90 5.02 7.08 -4.67
CA PHE A 90 5.15 5.68 -4.23
C PHE A 90 6.33 4.98 -4.91
N GLN A 91 6.87 3.97 -4.20
N GLN A 91 6.82 3.95 -4.22
CA GLN A 91 7.66 2.92 -4.83
CA GLN A 91 7.64 2.93 -4.86
C GLN A 91 6.78 1.67 -4.77
C GLN A 91 6.89 1.60 -4.77
N ILE A 92 6.57 1.05 -5.92
CA ILE A 92 5.70 -0.12 -6.07
C ILE A 92 6.52 -1.33 -6.53
N GLY A 93 6.26 -2.49 -5.94
CA GLY A 93 6.87 -3.74 -6.37
C GLY A 93 5.86 -4.70 -6.99
N ARG A 94 6.32 -5.44 -8.00
CA ARG A 94 5.55 -6.47 -8.67
C ARG A 94 6.45 -7.66 -9.12
N ASP B 1 -5.21 -15.31 13.46
CA ASP B 1 -4.21 -15.68 12.44
C ASP B 1 -4.18 -14.59 11.40
N SER B 2 -3.04 -14.42 10.75
CA SER B 2 -2.95 -13.36 9.74
C SER B 2 -3.92 -13.55 8.60
N LYS B 3 -4.21 -14.80 8.29
N LYS B 3 -4.24 -14.79 8.28
CA LYS B 3 -5.02 -15.10 7.11
CA LYS B 3 -5.03 -15.06 7.05
C LYS B 3 -6.31 -14.30 7.03
C LYS B 3 -6.46 -14.52 7.01
N ASP B 4 -7.04 -14.20 8.16
CA ASP B 4 -8.40 -13.58 8.16
C ASP B 4 -8.40 -12.09 8.54
N VAL B 5 -7.24 -11.44 8.59
CA VAL B 5 -7.20 -10.05 8.99
C VAL B 5 -7.82 -9.14 7.93
N LYS B 6 -8.61 -8.16 8.36
CA LYS B 6 -9.26 -7.24 7.47
C LYS B 6 -8.28 -6.31 6.78
N GLU B 7 -8.52 -6.05 5.51
CA GLU B 7 -7.80 -5.02 4.78
C GLU B 7 -8.16 -3.64 5.27
N TRP B 8 -7.22 -2.70 5.21
CA TRP B 8 -7.46 -1.34 5.63
C TRP B 8 -7.55 -0.41 4.42
N TYR B 9 -8.64 0.36 4.37
CA TYR B 9 -8.93 1.30 3.30
C TYR B 9 -8.24 2.65 3.49
N VAL B 10 -7.64 3.14 2.40
CA VAL B 10 -6.86 4.37 2.38
C VAL B 10 -7.15 5.20 1.14
C1 EDO C . 14.35 -2.83 -13.21
O1 EDO C . 13.33 -2.16 -14.04
C2 EDO C . 13.97 -2.68 -11.73
O2 EDO C . 12.72 -3.35 -11.47
H11 EDO C . 15.33 -2.38 -13.40
H12 EDO C . 14.41 -3.89 -13.47
HO1 EDO C . 13.56 -2.26 -14.98
H21 EDO C . 14.75 -3.10 -11.09
H22 EDO C . 13.87 -1.61 -11.48
HO2 EDO C . 12.48 -3.25 -10.54
CL CL D . 6.00 -3.06 1.80
ZN ZN E . -6.78 -14.48 12.37
#